data_1VJ1
#
_entry.id   1VJ1
#
_cell.length_a   42.386
_cell.length_b   91.805
_cell.length_c   100.565
_cell.angle_alpha   90.00
_cell.angle_beta   90.00
_cell.angle_gamma   90.00
#
_symmetry.space_group_name_H-M   'P 21 21 21'
#
loop_
_entity.id
_entity.type
_entity.pdbx_description
1 polymer 'putative NADPH-dependent oxidoreductase'
2 water water
#
_entity_poly.entity_id   1
_entity_poly.type   'polypeptide(L)'
_entity_poly.pdbx_seq_one_letter_code
;MGSDKIHHHHHH(MSE)IIQRVVLNSRPGKNGNPVAENFRVEEFSLLDALNEGQVQVRTLYLSVDPY(MSE)RCK(MSE)
NEDTGTDYLAPWQLAQVADGGGIGIVEESKHQKLAKGDFVTSFYWPWQTKAILDGNGLEKVDPQLVDGHLSYFLGAIG
(MSE)PGLTSLIGVQEKGHISAGSNQT(MSE)VVSGAAGACGSLAGQIGHLLGCSRVVGICGTQEKCLFLTSELGFDAAV
NYKTGNVAEQLREACPGGVDVYFDNVGGDISNTVISQ(MSE)NENSHIILCGQISQYNKDVPYPPPLPPAVEAIRKERNI
TRERFTVLNYKDKFEPGILQLSQWFKEGKLKVKETVAKGLEN(MSE)GVAFQS(MSE)(MSE)TGGNVGKQIVCISEDSS
L
;
_entity_poly.pdbx_strand_id   A
#
# COMPACT_ATOMS: atom_id res chain seq x y z
N HIS A 11 14.50 29.18 -20.31
CA HIS A 11 13.32 29.08 -19.38
C HIS A 11 13.59 28.22 -18.12
N HIS A 12 13.61 28.87 -16.97
CA HIS A 12 13.49 28.21 -15.69
C HIS A 12 12.06 28.41 -15.26
N ILE A 14 9.50 28.34 -11.78
CA ILE A 14 9.52 28.29 -10.33
C ILE A 14 8.55 27.20 -9.88
N ILE A 15 9.05 26.22 -9.15
CA ILE A 15 8.19 25.20 -8.57
C ILE A 15 8.28 25.25 -7.05
N GLN A 16 7.36 24.56 -6.36
CA GLN A 16 7.43 24.36 -4.92
C GLN A 16 7.76 22.91 -4.70
N ARG A 17 8.64 22.65 -3.72
CA ARG A 17 9.09 21.34 -3.34
C ARG A 17 8.92 21.19 -1.86
N VAL A 18 8.74 19.96 -1.41
CA VAL A 18 8.71 19.61 0.02
C VAL A 18 9.99 18.89 0.33
N VAL A 19 10.77 19.49 1.21
CA VAL A 19 12.07 18.96 1.56
C VAL A 19 12.06 18.46 3.00
N LEU A 20 12.97 17.55 3.27
CA LEU A 20 13.20 17.05 4.60
C LEU A 20 13.91 18.17 5.39
N ASN A 21 13.20 18.67 6.39
CA ASN A 21 13.72 19.77 7.17
C ASN A 21 14.61 19.27 8.31
N SER A 22 14.17 18.20 8.94
CA SER A 22 14.85 17.67 10.13
C SER A 22 14.45 16.22 10.35
N ARG A 23 15.29 15.52 11.10
CA ARG A 23 15.00 14.16 11.47
C ARG A 23 14.39 14.06 12.89
N PRO A 24 13.42 13.17 13.05
CA PRO A 24 12.77 12.97 14.35
C PRO A 24 13.63 12.21 15.34
N GLY A 25 14.70 11.55 14.86
CA GLY A 25 15.48 10.63 15.69
C GLY A 25 14.83 9.27 15.58
N LYS A 26 15.61 8.21 15.73
CA LYS A 26 15.11 6.87 15.41
C LYS A 26 13.90 6.44 16.26
N ASN A 27 13.83 6.87 17.52
CA ASN A 27 12.68 6.53 18.37
C ASN A 27 11.67 7.68 18.46
N GLY A 28 11.77 8.66 17.57
CA GLY A 28 10.96 9.87 17.65
C GLY A 28 9.72 9.75 16.78
N ASN A 29 8.75 10.62 17.02
CA ASN A 29 7.53 10.65 16.23
C ASN A 29 7.62 11.75 15.17
N PRO A 30 7.50 11.40 13.89
CA PRO A 30 7.51 12.41 12.84
C PRO A 30 6.42 13.45 13.05
N VAL A 31 6.75 14.72 12.79
CA VAL A 31 5.76 15.78 12.87
C VAL A 31 5.85 16.60 11.59
N ALA A 32 4.83 17.43 11.37
CA ALA A 32 4.73 18.17 10.10
C ALA A 32 5.94 19.06 9.89
N GLU A 33 6.51 19.52 10.99
CA GLU A 33 7.66 20.40 10.98
C GLU A 33 8.98 19.68 10.62
N ASN A 34 8.96 18.35 10.45
CA ASN A 34 10.10 17.66 9.87
C ASN A 34 10.20 17.87 8.35
N PHE A 35 9.14 18.43 7.76
CA PHE A 35 9.07 18.77 6.37
C PHE A 35 8.89 20.27 6.16
N ARG A 36 9.41 20.75 5.03
CA ARG A 36 9.43 22.17 4.72
C ARG A 36 9.15 22.39 3.23
N VAL A 37 8.26 23.30 2.91
CA VAL A 37 8.05 23.71 1.55
C VAL A 37 9.05 24.81 1.19
N GLU A 38 9.66 24.67 0.02
CA GLU A 38 10.66 25.62 -0.44
C GLU A 38 10.52 25.78 -1.99
N GLU A 39 10.70 27.00 -2.48
CA GLU A 39 10.73 27.28 -3.89
C GLU A 39 12.03 26.75 -4.48
N PHE A 40 11.94 26.39 -5.76
CA PHE A 40 13.07 25.86 -6.52
C PHE A 40 12.91 26.34 -7.96
N SER A 41 14.03 26.69 -8.57
CA SER A 41 14.03 27.13 -9.93
C SER A 41 14.43 25.97 -10.81
N LEU A 42 13.47 25.42 -11.54
CA LEU A 42 13.68 24.25 -12.34
C LEU A 42 13.92 24.65 -13.78
N LEU A 43 15.03 24.20 -14.35
CA LEU A 43 15.28 24.46 -15.77
C LEU A 43 14.35 23.65 -16.67
N ASP A 44 13.71 24.33 -17.62
CA ASP A 44 12.64 23.76 -18.41
C ASP A 44 13.12 22.82 -19.54
N ALA A 45 14.43 22.57 -19.63
CA ALA A 45 15.02 21.84 -20.75
C ALA A 45 14.88 20.32 -20.59
N LEU A 46 14.64 19.65 -21.71
CA LEU A 46 14.47 18.21 -21.72
C LEU A 46 15.59 17.55 -22.51
N ASN A 47 16.22 16.57 -21.89
CA ASN A 47 17.15 15.69 -22.58
C ASN A 47 16.40 14.63 -23.34
N GLU A 48 17.10 13.89 -24.19
CA GLU A 48 16.50 12.79 -24.90
C GLU A 48 15.87 11.86 -23.87
N GLY A 49 14.63 11.48 -24.08
CA GLY A 49 13.96 10.51 -23.22
C GLY A 49 13.25 11.12 -22.03
N GLN A 50 13.35 12.44 -21.84
CA GLN A 50 12.79 13.03 -20.64
C GLN A 50 11.42 13.57 -20.92
N VAL A 51 10.64 13.74 -19.87
CA VAL A 51 9.31 14.31 -19.98
C VAL A 51 9.17 15.31 -18.86
N GLN A 52 8.42 16.38 -19.10
CA GLN A 52 7.99 17.32 -18.06
C GLN A 52 6.58 16.88 -17.62
N VAL A 53 6.41 16.66 -16.32
CA VAL A 53 5.17 16.23 -15.75
C VAL A 53 4.64 17.26 -14.75
N ARG A 54 3.33 17.35 -14.63
CA ARG A 54 2.65 18.05 -13.55
C ARG A 54 2.11 16.99 -12.57
N THR A 55 2.46 17.17 -11.30
CA THR A 55 2.08 16.25 -10.25
C THR A 55 0.64 16.41 -9.91
N LEU A 56 -0.09 15.32 -9.88
CA LEU A 56 -1.52 15.34 -9.50
C LEU A 56 -1.74 14.73 -8.10
N TYR A 57 -1.16 13.56 -7.82
CA TYR A 57 -1.32 12.90 -6.53
C TYR A 57 -0.03 12.28 -6.03
N LEU A 58 0.14 12.36 -4.71
CA LEU A 58 1.25 11.74 -3.99
C LEU A 58 0.73 10.81 -2.87
N SER A 59 1.36 9.65 -2.70
CA SER A 59 1.06 8.79 -1.57
C SER A 59 1.96 9.05 -0.37
N VAL A 60 1.42 8.80 0.82
CA VAL A 60 2.27 8.68 2.03
C VAL A 60 1.95 7.36 2.68
N ASP A 61 3.03 6.68 3.07
CA ASP A 61 3.00 5.27 3.39
C ASP A 61 3.89 5.06 4.58
N PRO A 62 3.55 4.09 5.43
CA PRO A 62 4.40 3.77 6.61
C PRO A 62 5.89 3.40 6.35
N TYR A 63 6.22 2.73 5.23
CA TYR A 63 7.62 2.42 4.93
C TYR A 63 8.50 3.68 4.92
N ARG A 65 8.72 6.01 7.00
CA ARG A 65 9.21 6.41 8.28
C ARG A 65 10.70 6.22 8.36
N CYS A 66 11.20 5.09 7.87
CA CYS A 66 12.60 4.77 8.04
C CYS A 66 13.49 5.62 7.11
N LYS A 67 12.92 6.19 6.04
CA LYS A 67 13.67 7.12 5.19
C LYS A 67 13.97 8.46 5.88
N ASN A 69 15.22 8.47 8.84
CA ASN A 69 16.40 8.11 9.60
C ASN A 69 17.62 8.10 8.70
N GLU A 70 18.76 8.43 9.26
CA GLU A 70 19.99 8.64 8.49
C GLU A 70 20.46 7.36 7.86
N ASP A 71 20.24 6.26 8.58
CA ASP A 71 20.42 4.93 8.09
C ASP A 71 19.04 4.22 8.19
N THR A 72 18.51 3.80 7.03
CA THR A 72 17.19 3.14 6.98
C THR A 72 17.21 1.66 7.39
N GLY A 73 18.37 1.13 7.81
CA GLY A 73 18.52 -0.29 8.12
C GLY A 73 18.04 -1.21 7.02
N THR A 74 18.19 -0.79 5.77
CA THR A 74 17.66 -1.53 4.63
C THR A 74 18.31 -1.07 3.36
N ASP A 75 18.84 -2.01 2.59
CA ASP A 75 19.45 -1.69 1.30
C ASP A 75 18.38 -1.49 0.24
N TYR A 76 17.13 -1.80 0.56
CA TYR A 76 16.01 -1.50 -0.32
C TYR A 76 15.59 -0.02 -0.28
N LEU A 77 15.82 0.66 0.86
CA LEU A 77 15.43 2.09 1.00
C LEU A 77 16.62 3.00 1.23
N ALA A 78 16.71 4.03 0.39
CA ALA A 78 17.68 5.09 0.53
C ALA A 78 17.12 6.11 1.51
N PRO A 79 17.94 6.62 2.43
CA PRO A 79 17.48 7.68 3.34
C PRO A 79 17.23 8.99 2.59
N TRP A 80 16.19 9.74 2.98
CA TRP A 80 16.04 11.11 2.48
C TRP A 80 17.13 12.00 3.07
N GLN A 81 17.52 13.01 2.30
CA GLN A 81 18.62 13.88 2.67
C GLN A 81 18.09 15.23 3.06
N LEU A 82 18.79 15.87 3.99
CA LEU A 82 18.32 17.13 4.54
C LEU A 82 18.28 18.20 3.45
N ALA A 83 17.13 18.89 3.40
CA ALA A 83 16.89 20.03 2.56
C ALA A 83 16.74 19.60 1.09
N GLN A 84 16.61 18.30 0.88
CA GLN A 84 16.37 17.77 -0.42
C GLN A 84 14.92 17.34 -0.54
N VAL A 85 14.40 17.36 -1.75
CA VAL A 85 13.02 16.93 -1.99
C VAL A 85 12.77 15.45 -1.57
N ALA A 86 11.64 15.21 -0.92
CA ALA A 86 11.22 13.85 -0.65
C ALA A 86 10.61 13.25 -1.91
N ASP A 87 10.19 12.00 -1.82
CA ASP A 87 9.68 11.32 -2.98
C ASP A 87 9.04 10.02 -2.55
N GLY A 88 8.21 9.51 -3.45
CA GLY A 88 7.52 8.25 -3.26
C GLY A 88 6.55 8.07 -4.40
N GLY A 89 5.57 7.20 -4.17
CA GLY A 89 4.52 6.96 -5.13
C GLY A 89 3.82 8.22 -5.59
N GLY A 90 3.68 8.39 -6.89
CA GLY A 90 3.04 9.60 -7.42
C GLY A 90 2.41 9.37 -8.78
N ILE A 91 1.46 10.23 -9.11
CA ILE A 91 0.88 10.25 -10.43
C ILE A 91 0.77 11.68 -10.91
N GLY A 92 1.00 11.82 -12.21
CA GLY A 92 0.82 13.08 -12.89
C GLY A 92 0.48 13.00 -14.36
N ILE A 93 0.49 14.15 -15.00
CA ILE A 93 0.16 14.25 -16.38
C ILE A 93 1.39 14.81 -17.14
N VAL A 94 1.66 14.24 -18.32
CA VAL A 94 2.74 14.73 -19.17
C VAL A 94 2.38 16.06 -19.86
N GLU A 95 3.23 17.05 -19.64
CA GLU A 95 3.07 18.37 -20.23
C GLU A 95 3.94 18.56 -21.47
N GLU A 96 5.05 17.81 -21.54
CA GLU A 96 6.00 17.95 -22.63
C GLU A 96 6.81 16.65 -22.64
N SER A 97 7.12 16.13 -23.81
CA SER A 97 7.78 14.83 -23.89
C SER A 97 8.84 14.79 -24.96
N LYS A 98 9.99 14.23 -24.61
CA LYS A 98 10.96 13.75 -25.57
C LYS A 98 11.11 12.23 -25.45
N HIS A 99 10.00 11.56 -25.24
CA HIS A 99 10.04 10.12 -25.15
C HIS A 99 8.93 9.54 -26.01
N GLN A 100 9.29 8.64 -26.93
CA GLN A 100 8.38 8.04 -27.87
C GLN A 100 7.18 7.33 -27.24
N LYS A 101 7.26 6.87 -26.01
CA LYS A 101 6.12 6.15 -25.43
C LYS A 101 5.16 7.06 -24.72
N LEU A 102 5.49 8.33 -24.63
CA LEU A 102 4.63 9.27 -23.91
C LEU A 102 4.32 10.52 -24.72
N ALA A 103 3.04 10.90 -24.74
CA ALA A 103 2.57 12.10 -25.42
C ALA A 103 2.07 13.09 -24.39
N LYS A 104 2.14 14.38 -24.71
CA LYS A 104 1.45 15.40 -23.92
C LYS A 104 0.06 14.88 -23.60
N GLY A 105 -0.34 14.91 -22.35
CA GLY A 105 -1.68 14.53 -21.96
C GLY A 105 -1.82 13.11 -21.42
N ASP A 106 -0.77 12.30 -21.56
CA ASP A 106 -0.72 11.00 -20.95
C ASP A 106 -0.60 11.14 -19.43
N PHE A 107 -1.12 10.12 -18.74
CA PHE A 107 -1.01 10.04 -17.30
C PHE A 107 0.01 9.00 -17.01
N VAL A 108 0.87 9.32 -16.06
CA VAL A 108 2.01 8.47 -15.72
C VAL A 108 2.20 8.32 -14.20
N THR A 109 2.80 7.21 -13.78
CA THR A 109 3.16 7.00 -12.39
C THR A 109 4.63 6.69 -12.22
N SER A 110 5.09 6.85 -10.99
CA SER A 110 6.42 6.39 -10.58
C SER A 110 6.42 6.06 -9.08
N PHE A 111 7.31 5.17 -8.67
CA PHE A 111 7.61 4.94 -7.25
C PHE A 111 8.50 6.01 -6.64
N TYR A 112 9.19 6.78 -7.48
CA TYR A 112 10.16 7.75 -7.01
C TYR A 112 9.72 9.15 -7.50
N TRP A 113 8.45 9.46 -7.35
CA TRP A 113 7.94 10.70 -7.83
C TRP A 113 8.33 11.78 -6.80
N PRO A 114 9.02 12.86 -7.24
CA PRO A 114 9.49 13.90 -6.29
C PRO A 114 8.34 14.73 -5.78
N TRP A 115 8.43 15.12 -4.51
CA TRP A 115 7.37 15.90 -3.86
C TRP A 115 7.49 17.37 -4.27
N GLN A 116 7.08 17.65 -5.50
CA GLN A 116 7.13 18.97 -6.05
C GLN A 116 6.02 19.13 -7.10
N THR A 117 5.78 20.36 -7.50
CA THR A 117 4.59 20.65 -8.28
C THR A 117 4.75 20.22 -9.73
N LYS A 118 5.95 20.37 -10.27
CA LYS A 118 6.33 19.91 -11.59
C LYS A 118 7.71 19.33 -11.58
N ALA A 119 7.98 18.47 -12.56
CA ALA A 119 9.24 17.79 -12.60
C ALA A 119 9.67 17.44 -13.99
N ILE A 120 10.97 17.25 -14.18
CA ILE A 120 11.52 16.73 -15.37
C ILE A 120 12.14 15.39 -15.03
N LEU A 121 11.63 14.32 -15.67
CA LEU A 121 11.88 12.95 -15.30
C LEU A 121 12.21 12.11 -16.52
N ASP A 122 13.01 11.09 -16.31
CA ASP A 122 13.29 10.16 -17.40
C ASP A 122 12.07 9.32 -17.69
N GLY A 123 11.68 9.29 -18.96
CA GLY A 123 10.48 8.59 -19.38
C GLY A 123 10.59 7.12 -19.05
N ASN A 124 11.83 6.61 -19.05
CA ASN A 124 12.03 5.17 -18.83
C ASN A 124 11.79 4.74 -17.38
N GLY A 125 11.65 5.70 -16.48
CA GLY A 125 11.21 5.41 -15.11
C GLY A 125 9.75 5.67 -14.88
N LEU A 126 9.00 6.01 -15.93
CA LEU A 126 7.56 6.23 -15.81
C LEU A 126 6.72 5.12 -16.44
N GLU A 127 5.55 4.86 -15.87
CA GLU A 127 4.58 3.93 -16.48
C GLU A 127 3.36 4.73 -16.87
N LYS A 128 2.91 4.57 -18.11
CA LYS A 128 1.67 5.18 -18.57
C LYS A 128 0.47 4.40 -18.00
N VAL A 129 -0.56 5.11 -17.57
CA VAL A 129 -1.72 4.48 -16.98
C VAL A 129 -2.94 4.95 -17.76
N ASP A 130 -3.98 4.15 -17.74
CA ASP A 130 -5.21 4.40 -18.48
C ASP A 130 -6.37 4.73 -17.54
N PRO A 131 -6.77 6.00 -17.51
CA PRO A 131 -7.78 6.47 -16.56
C PRO A 131 -9.16 5.84 -16.66
N GLN A 132 -9.47 5.24 -17.79
CA GLN A 132 -10.76 4.54 -17.95
C GLN A 132 -10.80 3.33 -16.98
N LEU A 133 -9.64 2.77 -16.66
CA LEU A 133 -9.58 1.68 -15.68
C LEU A 133 -10.13 2.07 -14.30
N VAL A 134 -10.06 3.35 -13.95
CA VAL A 134 -10.45 3.84 -12.64
C VAL A 134 -11.57 4.88 -12.74
N ASP A 135 -12.26 4.92 -13.86
CA ASP A 135 -13.36 5.89 -14.09
C ASP A 135 -12.93 7.32 -13.79
N GLY A 136 -11.75 7.68 -14.24
CA GLY A 136 -11.16 8.95 -13.87
C GLY A 136 -10.73 9.20 -12.43
N HIS A 137 -10.91 8.25 -11.50
CA HIS A 137 -10.41 8.44 -10.13
CA HIS A 137 -10.41 8.44 -10.13
C HIS A 137 -8.93 8.09 -10.08
N LEU A 138 -8.10 9.00 -10.56
CA LEU A 138 -6.67 8.79 -10.74
C LEU A 138 -5.90 8.39 -9.51
N SER A 139 -6.29 8.88 -8.33
CA SER A 139 -5.60 8.48 -7.09
C SER A 139 -5.67 6.98 -6.81
N TYR A 140 -6.65 6.28 -7.38
CA TYR A 140 -6.74 4.83 -7.17
C TYR A 140 -5.58 4.07 -7.76
N PHE A 141 -4.85 4.70 -8.67
CA PHE A 141 -3.65 4.09 -9.23
C PHE A 141 -2.49 4.02 -8.22
N LEU A 142 -2.59 4.75 -7.12
CA LEU A 142 -1.60 4.64 -6.04
C LEU A 142 -1.99 3.64 -4.96
N GLY A 143 -3.18 3.06 -5.07
CA GLY A 143 -3.66 2.12 -4.11
C GLY A 143 -4.27 0.88 -4.71
N ALA A 144 -5.59 0.82 -4.68
CA ALA A 144 -6.34 -0.37 -4.97
C ALA A 144 -6.25 -0.84 -6.41
N ILE A 145 -6.04 0.09 -7.35
CA ILE A 145 -5.76 -0.23 -8.75
C ILE A 145 -4.29 0.10 -9.03
N GLY A 146 -3.45 -0.15 -8.06
CA GLY A 146 -2.00 0.01 -8.21
C GLY A 146 -1.34 -1.12 -7.44
N PRO A 148 -0.51 -1.70 -4.21
CA PRO A 148 -1.12 -2.26 -3.03
C PRO A 148 -2.26 -3.22 -3.31
N GLY A 149 -3.16 -2.83 -4.22
CA GLY A 149 -4.20 -3.76 -4.69
C GLY A 149 -3.63 -5.00 -5.37
N LEU A 150 -2.57 -4.81 -6.14
CA LEU A 150 -1.92 -5.89 -6.89
C LEU A 150 -1.24 -6.88 -5.95
N THR A 151 -0.60 -6.32 -4.93
CA THR A 151 0.08 -7.10 -3.90
C THR A 151 -0.94 -7.94 -3.18
N SER A 152 -2.04 -7.32 -2.80
CA SER A 152 -3.09 -8.04 -2.14
C SER A 152 -3.68 -9.17 -3.02
N LEU A 153 -3.90 -8.88 -4.30
CA LEU A 153 -4.54 -9.82 -5.22
C LEU A 153 -3.62 -10.97 -5.60
N ILE A 154 -2.40 -10.65 -6.01
CA ILE A 154 -1.44 -11.65 -6.42
C ILE A 154 -1.00 -12.53 -5.24
N GLY A 155 -0.87 -11.96 -4.05
CA GLY A 155 -0.54 -12.73 -2.87
C GLY A 155 -1.58 -13.79 -2.59
N VAL A 156 -2.84 -13.39 -2.53
CA VAL A 156 -3.88 -14.34 -2.25
C VAL A 156 -4.04 -15.32 -3.42
N GLN A 157 -4.17 -14.77 -4.62
CA GLN A 157 -4.38 -15.55 -5.82
C GLN A 157 -3.29 -16.58 -6.07
N GLU A 158 -2.04 -16.22 -5.78
CA GLU A 158 -0.92 -17.07 -6.13
C GLU A 158 -0.42 -17.87 -4.94
N LYS A 159 -0.61 -17.37 -3.70
CA LYS A 159 -0.08 -18.06 -2.52
C LYS A 159 -1.10 -18.56 -1.51
N GLY A 160 -2.35 -18.13 -1.62
CA GLY A 160 -3.39 -18.49 -0.70
C GLY A 160 -3.88 -19.92 -0.79
N HIS A 161 -3.76 -20.53 -1.96
CA HIS A 161 -4.30 -21.87 -2.20
C HIS A 161 -5.81 -21.95 -1.92
N ILE A 162 -6.55 -20.92 -2.26
CA ILE A 162 -7.95 -20.87 -1.91
C ILE A 162 -8.73 -21.81 -2.78
N SER A 163 -9.66 -22.50 -2.17
CA SER A 163 -10.46 -23.51 -2.81
C SER A 163 -11.92 -23.18 -2.56
N ALA A 164 -12.59 -22.67 -3.59
CA ALA A 164 -13.97 -22.29 -3.48
C ALA A 164 -14.80 -23.50 -3.06
N GLY A 165 -15.61 -23.33 -2.02
CA GLY A 165 -16.41 -24.41 -1.48
C GLY A 165 -15.70 -25.21 -0.41
N SER A 166 -14.43 -24.93 -0.16
CA SER A 166 -13.73 -25.62 0.89
C SER A 166 -13.92 -25.02 2.27
N ASN A 167 -14.74 -23.99 2.42
CA ASN A 167 -14.98 -23.39 3.75
C ASN A 167 -13.67 -22.98 4.48
N GLN A 168 -12.84 -22.20 3.80
CA GLN A 168 -11.61 -21.76 4.40
C GLN A 168 -11.76 -20.42 5.09
N THR A 169 -11.01 -20.27 6.17
CA THR A 169 -10.88 -19.01 6.88
C THR A 169 -9.47 -18.51 6.68
N VAL A 171 -6.96 -15.34 7.81
CA VAL A 171 -6.68 -14.21 8.71
C VAL A 171 -5.65 -13.27 8.08
N VAL A 172 -5.89 -11.98 8.28
CA VAL A 172 -5.04 -10.93 7.71
C VAL A 172 -4.61 -10.02 8.83
N SER A 173 -3.34 -10.10 9.21
CA SER A 173 -2.78 -9.15 10.14
C SER A 173 -2.42 -7.85 9.38
N GLY A 174 -2.29 -6.75 10.12
CA GLY A 174 -2.15 -5.44 9.50
C GLY A 174 -3.33 -5.11 8.60
N ALA A 175 -4.53 -5.48 9.04
CA ALA A 175 -5.74 -5.36 8.21
C ALA A 175 -6.21 -3.92 7.97
N ALA A 176 -5.73 -2.96 8.75
CA ALA A 176 -6.10 -1.58 8.50
C ALA A 176 -5.15 -0.81 7.51
N GLY A 177 -4.05 -1.45 7.07
CA GLY A 177 -3.13 -0.83 6.10
C GLY A 177 -3.71 -0.82 4.68
N ALA A 178 -3.00 -0.21 3.74
CA ALA A 178 -3.57 0.02 2.40
C ALA A 178 -3.84 -1.26 1.64
N CYS A 179 -2.91 -2.21 1.71
CA CYS A 179 -3.14 -3.49 1.05
C CYS A 179 -3.96 -4.46 1.91
N GLY A 180 -3.69 -4.52 3.23
CA GLY A 180 -4.42 -5.38 4.21
C GLY A 180 -5.92 -5.07 4.23
N SER A 181 -6.29 -3.79 4.20
CA SER A 181 -7.68 -3.37 4.13
C SER A 181 -8.46 -3.83 2.89
N LEU A 182 -7.78 -4.29 1.83
CA LEU A 182 -8.46 -4.79 0.62
C LEU A 182 -8.73 -6.29 0.64
N ALA A 183 -8.15 -6.99 1.62
CA ALA A 183 -8.30 -8.47 1.70
C ALA A 183 -9.73 -8.97 2.00
N GLY A 184 -10.52 -8.18 2.72
CA GLY A 184 -11.89 -8.57 3.01
C GLY A 184 -12.62 -8.81 1.70
N GLN A 185 -12.50 -7.85 0.79
CA GLN A 185 -13.16 -7.95 -0.51
C GLN A 185 -12.43 -8.94 -1.45
N ILE A 186 -11.14 -8.76 -1.60
CA ILE A 186 -10.35 -9.58 -2.51
C ILE A 186 -10.37 -11.07 -2.14
N GLY A 187 -10.20 -11.38 -0.85
CA GLY A 187 -10.27 -12.74 -0.36
C GLY A 187 -11.60 -13.41 -0.67
N HIS A 188 -12.70 -12.67 -0.51
CA HIS A 188 -14.01 -13.22 -0.85
C HIS A 188 -14.20 -13.35 -2.36
N LEU A 189 -13.80 -12.34 -3.10
CA LEU A 189 -13.93 -12.40 -4.54
C LEU A 189 -13.12 -13.54 -5.13
N LEU A 190 -12.02 -13.89 -4.47
CA LEU A 190 -11.09 -14.91 -4.95
C LEU A 190 -11.45 -16.27 -4.43
N GLY A 191 -12.56 -16.38 -3.72
CA GLY A 191 -13.11 -17.68 -3.34
C GLY A 191 -13.02 -18.05 -1.88
N CYS A 192 -12.45 -17.19 -1.07
CA CYS A 192 -12.31 -17.50 0.34
C CYS A 192 -13.65 -17.37 1.04
N SER A 193 -14.00 -18.25 1.96
CA SER A 193 -15.33 -18.18 2.52
C SER A 193 -15.40 -17.20 3.68
N ARG A 194 -14.34 -17.13 4.44
CA ARG A 194 -14.32 -16.25 5.59
C ARG A 194 -13.00 -15.52 5.67
N VAL A 195 -13.08 -14.22 5.94
CA VAL A 195 -11.91 -13.33 6.08
C VAL A 195 -11.97 -12.53 7.38
N VAL A 196 -10.96 -12.74 8.22
CA VAL A 196 -10.91 -12.10 9.54
C VAL A 196 -9.70 -11.17 9.55
N GLY A 197 -9.90 -9.91 9.95
CA GLY A 197 -8.82 -8.94 10.06
C GLY A 197 -8.29 -8.74 11.47
N ILE A 198 -7.01 -8.41 11.61
CA ILE A 198 -6.49 -8.05 12.91
C ILE A 198 -6.06 -6.61 12.85
N CYS A 199 -6.29 -5.92 13.96
CA CYS A 199 -6.48 -4.47 14.02
C CYS A 199 -5.96 -3.88 15.33
N GLY A 200 -5.78 -2.56 15.40
CA GLY A 200 -5.31 -1.91 16.63
C GLY A 200 -6.30 -1.03 17.39
N THR A 201 -7.52 -0.86 16.88
CA THR A 201 -8.57 -0.13 17.61
C THR A 201 -9.94 -0.64 17.24
N GLN A 202 -10.89 -0.33 18.11
CA GLN A 202 -12.30 -0.70 17.97
C GLN A 202 -12.96 -0.06 16.77
N GLU A 203 -12.68 1.22 16.57
CA GLU A 203 -13.21 1.96 15.43
C GLU A 203 -12.73 1.33 14.15
N LYS A 204 -11.46 0.97 14.09
CA LYS A 204 -10.91 0.29 12.95
C LYS A 204 -11.58 -1.08 12.73
N CYS A 205 -11.76 -1.84 13.81
CA CYS A 205 -12.43 -3.13 13.70
C CYS A 205 -13.81 -3.03 13.07
N LEU A 206 -14.59 -2.05 13.50
CA LEU A 206 -15.94 -1.85 13.00
C LEU A 206 -15.95 -1.31 11.56
N PHE A 207 -14.90 -0.57 11.19
CA PHE A 207 -14.81 -0.07 9.83
C PHE A 207 -14.54 -1.24 8.87
N LEU A 208 -13.59 -2.09 9.24
CA LEU A 208 -13.29 -3.28 8.44
C LEU A 208 -14.52 -4.14 8.10
N THR A 209 -15.39 -4.21 9.09
CA THR A 209 -16.40 -5.19 9.18
C THR A 209 -17.72 -4.61 8.58
N SER A 210 -17.95 -3.32 8.82
CA SER A 210 -19.11 -2.66 8.27
C SER A 210 -18.85 -2.14 6.84
N GLU A 211 -17.61 -1.75 6.55
CA GLU A 211 -17.31 -1.14 5.27
C GLU A 211 -16.53 -1.99 4.30
N LEU A 212 -15.66 -2.87 4.78
CA LEU A 212 -14.67 -3.49 3.92
C LEU A 212 -14.81 -4.98 3.81
N GLY A 213 -15.98 -5.46 4.20
CA GLY A 213 -16.35 -6.82 3.93
C GLY A 213 -15.60 -7.87 4.71
N PHE A 214 -14.95 -7.50 5.83
CA PHE A 214 -14.40 -8.52 6.70
C PHE A 214 -15.55 -9.14 7.44
N ASP A 215 -15.48 -10.44 7.64
CA ASP A 215 -16.51 -11.16 8.36
C ASP A 215 -16.32 -10.91 9.84
N ALA A 216 -15.08 -10.72 10.25
CA ALA A 216 -14.82 -10.36 11.63
C ALA A 216 -13.50 -9.66 11.78
N ALA A 217 -13.28 -9.01 12.91
CA ALA A 217 -12.03 -8.29 13.16
C ALA A 217 -11.59 -8.48 14.59
N VAL A 218 -10.30 -8.54 14.84
CA VAL A 218 -9.81 -8.77 16.21
C VAL A 218 -9.01 -7.55 16.56
N ASN A 219 -9.28 -6.96 17.72
CA ASN A 219 -8.52 -5.80 18.20
C ASN A 219 -7.36 -6.31 19.05
N TYR A 220 -6.15 -6.22 18.53
CA TYR A 220 -5.00 -6.85 19.19
C TYR A 220 -4.50 -6.07 20.40
N LYS A 221 -5.03 -4.87 20.65
CA LYS A 221 -4.58 -4.10 21.83
C LYS A 221 -5.45 -4.29 23.08
N THR A 222 -6.48 -5.13 23.02
CA THR A 222 -7.36 -5.30 24.16
C THR A 222 -7.17 -6.63 24.93
N GLY A 223 -6.05 -7.32 24.69
CA GLY A 223 -5.57 -8.32 25.65
C GLY A 223 -6.15 -9.73 25.76
N ASN A 224 -7.32 -10.01 25.15
CA ASN A 224 -7.77 -11.40 25.09
C ASN A 224 -7.74 -11.85 23.64
N VAL A 225 -6.58 -11.67 23.03
CA VAL A 225 -6.44 -11.79 21.58
C VAL A 225 -6.70 -13.20 21.13
N ALA A 226 -6.14 -14.18 21.82
CA ALA A 226 -6.35 -15.58 21.44
C ALA A 226 -7.84 -15.95 21.45
N GLU A 227 -8.56 -15.46 22.45
CA GLU A 227 -9.95 -15.86 22.63
C GLU A 227 -10.83 -15.13 21.58
N GLN A 228 -10.51 -13.86 21.34
CA GLN A 228 -11.10 -13.08 20.24
C GLN A 228 -10.98 -13.78 18.90
N LEU A 229 -9.77 -14.24 18.62
CA LEU A 229 -9.51 -14.91 17.39
C LEU A 229 -10.33 -16.19 17.30
N ARG A 230 -10.48 -16.85 18.43
CA ARG A 230 -11.20 -18.13 18.46
C ARG A 230 -12.69 -17.95 18.13
N GLU A 231 -13.29 -16.94 18.75
CA GLU A 231 -14.64 -16.51 18.42
C GLU A 231 -14.76 -16.14 16.94
N ALA A 232 -13.76 -15.45 16.40
CA ALA A 232 -13.82 -15.04 15.01
C ALA A 232 -13.59 -16.20 14.06
N CYS A 233 -12.90 -17.25 14.51
CA CYS A 233 -12.47 -18.33 13.64
C CYS A 233 -12.83 -19.67 14.26
N PRO A 234 -14.14 -19.95 14.35
CA PRO A 234 -14.60 -21.14 15.05
C PRO A 234 -14.11 -22.40 14.39
N GLY A 235 -13.69 -22.35 13.13
CA GLY A 235 -13.14 -23.54 12.48
C GLY A 235 -11.63 -23.55 12.37
N GLY A 236 -10.95 -22.75 13.16
CA GLY A 236 -9.51 -22.56 12.94
C GLY A 236 -9.18 -21.74 11.71
N VAL A 237 -7.87 -21.55 11.51
CA VAL A 237 -7.33 -20.69 10.46
C VAL A 237 -6.66 -21.53 9.37
N ASP A 238 -7.09 -21.33 8.14
CA ASP A 238 -6.55 -22.04 7.00
C ASP A 238 -5.49 -21.28 6.20
N VAL A 239 -5.55 -19.94 6.22
CA VAL A 239 -4.59 -19.07 5.51
C VAL A 239 -4.26 -17.86 6.38
N TYR A 240 -2.98 -17.54 6.55
CA TYR A 240 -2.62 -16.41 7.34
C TYR A 240 -1.76 -15.46 6.50
N PHE A 241 -2.31 -14.28 6.18
CA PHE A 241 -1.49 -13.21 5.54
C PHE A 241 -0.89 -12.33 6.57
N ASP A 242 0.38 -12.57 6.78
CA ASP A 242 1.10 -12.01 7.87
C ASP A 242 1.83 -10.76 7.39
N ASN A 243 1.29 -9.60 7.77
CA ASN A 243 1.89 -8.28 7.44
C ASN A 243 2.60 -7.68 8.61
N VAL A 244 2.58 -8.35 9.74
CA VAL A 244 3.23 -7.89 10.96
C VAL A 244 4.17 -9.05 11.21
N GLY A 245 4.66 -9.28 12.40
CA GLY A 245 5.09 -10.64 12.70
C GLY A 245 4.82 -10.87 14.18
N GLY A 246 5.86 -11.26 14.90
CA GLY A 246 5.89 -11.07 16.32
C GLY A 246 4.82 -11.86 17.00
N ASP A 247 4.35 -11.33 18.12
CA ASP A 247 3.49 -12.06 19.03
C ASP A 247 2.14 -12.35 18.41
N ILE A 248 1.67 -11.45 17.55
CA ILE A 248 0.35 -11.60 16.95
C ILE A 248 0.37 -12.86 16.11
N SER A 249 1.47 -13.04 15.36
CA SER A 249 1.62 -14.18 14.47
C SER A 249 1.74 -15.51 15.24
N ASN A 250 2.40 -15.49 16.39
CA ASN A 250 2.41 -16.65 17.26
C ASN A 250 1.01 -17.04 17.79
N THR A 251 0.18 -16.06 18.13
CA THR A 251 -1.18 -16.39 18.51
C THR A 251 -1.94 -17.02 17.35
N VAL A 252 -1.77 -16.42 16.17
CA VAL A 252 -2.51 -16.85 15.00
C VAL A 252 -2.12 -18.26 14.62
N ILE A 253 -0.83 -18.55 14.64
CA ILE A 253 -0.30 -19.85 14.24
C ILE A 253 -0.76 -20.95 15.16
N SER A 254 -0.97 -20.59 16.41
CA SER A 254 -1.49 -21.55 17.36
C SER A 254 -2.88 -22.02 17.01
N GLN A 255 -3.59 -21.28 16.19
CA GLN A 255 -4.97 -21.59 15.84
C GLN A 255 -5.14 -22.09 14.42
N ASN A 257 -5.04 -24.65 11.22
CA ASN A 257 -5.43 -26.00 10.94
C ASN A 257 -4.28 -26.74 10.24
N GLU A 258 -4.43 -28.04 10.13
CA GLU A 258 -3.52 -28.83 9.32
C GLU A 258 -3.54 -28.38 7.89
N ASN A 259 -2.36 -28.44 7.27
CA ASN A 259 -2.19 -28.18 5.85
C ASN A 259 -2.50 -26.75 5.48
N SER A 260 -2.41 -25.92 6.50
CA SER A 260 -2.44 -24.46 6.41
C SER A 260 -1.26 -23.79 5.72
N HIS A 261 -1.41 -22.51 5.43
CA HIS A 261 -0.39 -21.72 4.74
C HIS A 261 -0.24 -20.33 5.37
N ILE A 262 1.00 -19.99 5.75
CA ILE A 262 1.38 -18.63 6.15
C ILE A 262 2.10 -17.94 4.99
N ILE A 263 1.62 -16.76 4.64
CA ILE A 263 2.20 -15.96 3.59
C ILE A 263 2.76 -14.73 4.24
N LEU A 264 4.08 -14.55 4.16
CA LEU A 264 4.74 -13.36 4.68
C LEU A 264 4.85 -12.27 3.63
N CYS A 265 4.20 -11.12 3.85
CA CYS A 265 4.27 -9.95 2.92
C CYS A 265 5.00 -8.76 3.52
N PRO A 278 12.70 -15.76 6.15
CA PRO A 278 11.69 -15.65 7.21
C PRO A 278 12.34 -15.82 8.58
N PRO A 279 12.13 -14.86 9.49
CA PRO A 279 12.83 -14.90 10.76
C PRO A 279 12.29 -16.06 11.60
N PRO A 280 13.14 -16.70 12.41
CA PRO A 280 12.75 -17.94 13.07
C PRO A 280 11.53 -17.74 13.97
N LEU A 281 10.70 -18.75 14.10
CA LEU A 281 9.64 -18.70 15.09
C LEU A 281 10.21 -19.19 16.43
N PRO A 282 9.57 -18.84 17.55
CA PRO A 282 9.91 -19.48 18.81
C PRO A 282 9.70 -21.00 18.71
N PRO A 283 10.51 -21.76 19.44
CA PRO A 283 10.58 -23.21 19.24
C PRO A 283 9.23 -23.91 19.38
N ALA A 284 8.43 -23.49 20.36
CA ALA A 284 7.11 -24.08 20.57
C ALA A 284 6.15 -23.75 19.42
N VAL A 285 6.37 -22.61 18.76
CA VAL A 285 5.55 -22.21 17.64
C VAL A 285 6.00 -22.95 16.36
N GLU A 286 7.30 -22.97 16.11
CA GLU A 286 7.90 -23.78 15.05
C GLU A 286 7.44 -25.24 15.12
N ALA A 287 7.31 -25.77 16.34
CA ALA A 287 6.87 -27.15 16.55
C ALA A 287 5.43 -27.36 16.13
N ILE A 288 4.54 -26.45 16.49
CA ILE A 288 3.18 -26.45 15.92
C ILE A 288 3.16 -26.33 14.39
N ARG A 289 3.94 -25.39 13.85
CA ARG A 289 4.03 -25.25 12.40
C ARG A 289 4.41 -26.58 11.73
N LYS A 290 5.44 -27.25 12.22
CA LYS A 290 5.84 -28.51 11.62
C LYS A 290 4.76 -29.60 11.82
N GLU A 291 4.34 -29.82 13.06
CA GLU A 291 3.40 -30.89 13.36
C GLU A 291 2.13 -30.84 12.50
N ARG A 292 1.66 -29.63 12.25
CA ARG A 292 0.42 -29.41 11.49
C ARG A 292 0.61 -29.24 10.00
N ASN A 293 1.86 -29.38 9.54
CA ASN A 293 2.17 -29.28 8.10
C ASN A 293 1.78 -27.92 7.52
N ILE A 294 2.18 -26.86 8.23
CA ILE A 294 1.87 -25.50 7.82
C ILE A 294 3.03 -24.93 7.03
N THR A 295 2.80 -24.43 5.81
CA THR A 295 3.90 -23.79 5.05
C THR A 295 4.03 -22.37 5.50
N ARG A 296 5.23 -21.80 5.37
CA ARG A 296 5.44 -20.41 5.71
C ARG A 296 6.43 -19.85 4.71
N GLU A 297 5.93 -18.99 3.85
CA GLU A 297 6.71 -18.59 2.70
C GLU A 297 6.63 -17.10 2.50
N ARG A 298 7.74 -16.49 2.10
CA ARG A 298 7.79 -15.09 1.70
C ARG A 298 7.05 -14.91 0.37
N PHE A 299 6.20 -13.89 0.32
CA PHE A 299 5.61 -13.48 -0.92
C PHE A 299 6.30 -12.20 -1.37
N THR A 300 6.91 -12.25 -2.54
CA THR A 300 7.58 -11.11 -3.15
C THR A 300 6.91 -10.76 -4.50
N VAL A 301 6.09 -9.72 -4.47
CA VAL A 301 5.24 -9.37 -5.63
C VAL A 301 6.01 -9.07 -6.94
N LEU A 302 7.20 -8.50 -6.82
CA LEU A 302 8.02 -8.22 -8.00
C LEU A 302 8.47 -9.48 -8.77
N ASN A 303 8.18 -10.67 -8.25
CA ASN A 303 8.46 -11.90 -8.99
C ASN A 303 7.25 -12.34 -9.81
N TYR A 304 6.24 -11.48 -9.89
CA TYR A 304 5.00 -11.83 -10.57
C TYR A 304 4.58 -10.76 -11.60
N LYS A 305 5.57 -10.13 -12.21
CA LYS A 305 5.31 -9.04 -13.15
C LYS A 305 4.39 -9.45 -14.32
N ASP A 306 4.48 -10.69 -14.77
CA ASP A 306 3.58 -11.17 -15.84
C ASP A 306 2.11 -11.28 -15.40
N LYS A 307 1.90 -11.26 -14.09
CA LYS A 307 0.54 -11.22 -13.53
C LYS A 307 -0.04 -9.80 -13.33
N PHE A 308 0.79 -8.76 -13.54
CA PHE A 308 0.42 -7.39 -13.21
C PHE A 308 -0.74 -6.86 -14.08
N GLU A 309 -0.56 -6.93 -15.40
CA GLU A 309 -1.56 -6.40 -16.34
C GLU A 309 -2.93 -7.06 -16.22
N PRO A 310 -3.03 -8.39 -16.32
CA PRO A 310 -4.30 -9.04 -16.01
C PRO A 310 -4.82 -8.69 -14.63
N GLY A 311 -3.93 -8.57 -13.65
CA GLY A 311 -4.29 -8.20 -12.28
C GLY A 311 -4.96 -6.85 -12.17
N ILE A 312 -4.39 -5.84 -12.80
CA ILE A 312 -5.01 -4.50 -12.82
C ILE A 312 -6.37 -4.51 -13.53
N LEU A 313 -6.48 -5.22 -14.65
CA LEU A 313 -7.77 -5.39 -15.33
C LEU A 313 -8.81 -6.03 -14.43
N GLN A 314 -8.41 -7.03 -13.66
CA GLN A 314 -9.33 -7.66 -12.70
C GLN A 314 -9.78 -6.70 -11.60
N LEU A 315 -8.83 -6.00 -11.01
CA LEU A 315 -9.12 -5.04 -9.96
C LEU A 315 -10.04 -3.96 -10.49
N SER A 316 -9.75 -3.50 -11.69
CA SER A 316 -10.52 -2.43 -12.31
C SER A 316 -11.94 -2.86 -12.56
N GLN A 317 -12.12 -4.07 -13.08
CA GLN A 317 -13.46 -4.68 -13.29
C GLN A 317 -14.32 -4.78 -12.04
N TRP A 318 -13.74 -5.40 -11.02
CA TRP A 318 -14.36 -5.42 -9.70
C TRP A 318 -14.80 -4.05 -9.26
N PHE A 319 -13.90 -3.09 -9.35
CA PHE A 319 -14.19 -1.74 -8.94
C PHE A 319 -15.37 -1.15 -9.72
N LYS A 320 -15.32 -1.27 -11.04
CA LYS A 320 -16.39 -0.76 -11.92
C LYS A 320 -17.74 -1.47 -11.69
N GLU A 321 -17.68 -2.76 -11.36
CA GLU A 321 -18.85 -3.55 -10.98
C GLU A 321 -19.42 -3.17 -9.63
N GLY A 322 -18.69 -2.42 -8.82
CA GLY A 322 -19.11 -2.16 -7.45
C GLY A 322 -18.76 -3.26 -6.47
N LYS A 323 -17.96 -4.24 -6.90
CA LYS A 323 -17.58 -5.36 -6.04
C LYS A 323 -16.37 -5.06 -5.18
N LEU A 324 -15.66 -3.99 -5.50
CA LEU A 324 -14.48 -3.61 -4.74
C LEU A 324 -14.67 -2.15 -4.40
N LYS A 325 -14.84 -1.88 -3.13
CA LYS A 325 -14.97 -0.53 -2.61
C LYS A 325 -13.62 -0.14 -2.01
N VAL A 326 -13.16 1.08 -2.26
CA VAL A 326 -11.88 1.49 -1.72
C VAL A 326 -12.05 2.65 -0.74
N LYS A 327 -11.31 2.61 0.36
CA LYS A 327 -11.24 3.71 1.29
C LYS A 327 -9.93 4.46 1.08
N GLU A 328 -10.02 5.76 0.82
CA GLU A 328 -8.83 6.60 0.84
C GLU A 328 -9.08 7.87 1.66
N THR A 329 -8.03 8.36 2.31
CA THR A 329 -8.03 9.68 2.91
C THR A 329 -7.21 10.57 2.00
N VAL A 330 -7.83 11.65 1.52
CA VAL A 330 -7.16 12.61 0.64
C VAL A 330 -6.99 13.97 1.28
N ALA A 331 -5.75 14.34 1.57
CA ALA A 331 -5.43 15.72 1.96
C ALA A 331 -5.20 16.53 0.67
N LYS A 332 -5.24 17.85 0.81
CA LYS A 332 -5.14 18.72 -0.33
C LYS A 332 -4.02 19.74 -0.12
N GLY A 333 -3.12 19.74 -1.09
CA GLY A 333 -2.11 20.75 -1.15
C GLY A 333 -0.76 20.20 -0.77
N LEU A 334 0.23 20.51 -1.59
CA LEU A 334 1.60 20.19 -1.30
C LEU A 334 2.05 20.74 0.06
N GLU A 335 1.50 21.88 0.46
CA GLU A 335 1.77 22.45 1.78
C GLU A 335 1.29 21.53 2.95
N ASN A 336 0.44 20.56 2.66
CA ASN A 336 -0.03 19.68 3.70
C ASN A 336 0.59 18.29 3.68
N GLY A 338 3.29 17.38 5.17
CA GLY A 338 3.77 17.10 6.53
C GLY A 338 2.61 16.76 7.46
N VAL A 339 1.58 17.58 7.42
CA VAL A 339 0.34 17.32 8.17
C VAL A 339 -0.23 15.95 7.79
N ALA A 340 -0.27 15.63 6.50
CA ALA A 340 -0.77 14.30 6.08
C ALA A 340 0.17 13.17 6.54
N PHE A 341 1.47 13.39 6.45
CA PHE A 341 2.42 12.39 6.94
C PHE A 341 2.18 12.13 8.43
N GLN A 342 2.10 13.21 9.21
CA GLN A 342 1.84 13.10 10.66
C GLN A 342 0.55 12.33 10.94
N SER A 343 -0.51 12.67 10.23
CA SER A 343 -1.79 11.97 10.38
C SER A 343 -1.64 10.49 10.04
N THR A 346 -0.12 8.65 12.91
CA THR A 346 -0.96 8.34 14.08
C THR A 346 -1.78 7.07 13.88
N GLY A 347 -1.71 6.45 12.70
CA GLY A 347 -2.41 5.20 12.43
C GLY A 347 -3.92 5.23 12.64
N GLY A 348 -4.51 6.42 12.71
CA GLY A 348 -5.95 6.54 12.89
C GLY A 348 -6.74 6.04 11.69
N ASN A 349 -6.36 6.48 10.50
CA ASN A 349 -7.14 6.24 9.28
C ASN A 349 -6.97 4.81 8.75
N VAL A 350 -8.00 4.32 8.05
CA VAL A 350 -7.93 3.02 7.38
C VAL A 350 -7.72 3.29 5.89
N GLY A 351 -6.82 2.51 5.29
CA GLY A 351 -6.61 2.55 3.84
C GLY A 351 -5.48 3.47 3.42
N LYS A 352 -5.55 3.93 2.17
CA LYS A 352 -4.46 4.63 1.52
C LYS A 352 -4.54 6.10 1.81
N GLN A 353 -3.42 6.67 2.27
CA GLN A 353 -3.31 8.12 2.48
C GLN A 353 -2.66 8.79 1.26
N ILE A 354 -3.38 9.79 0.75
CA ILE A 354 -3.11 10.45 -0.51
C ILE A 354 -3.08 11.95 -0.28
N VAL A 355 -2.17 12.64 -0.94
CA VAL A 355 -2.25 14.09 -1.05
C VAL A 355 -2.53 14.50 -2.50
N CYS A 356 -3.56 15.31 -2.66
CA CYS A 356 -3.89 15.89 -3.95
C CYS A 356 -3.11 17.19 -4.16
N ILE A 357 -2.21 17.18 -5.14
CA ILE A 357 -1.36 18.31 -5.44
C ILE A 357 -2.00 19.21 -6.47
N SER A 358 -2.85 18.64 -7.33
CA SER A 358 -3.55 19.37 -8.37
C SER A 358 -4.69 18.53 -8.89
N GLU A 359 -5.82 19.17 -9.15
CA GLU A 359 -6.93 18.54 -9.85
C GLU A 359 -6.99 19.02 -11.32
N ASP A 360 -5.89 19.58 -11.82
CA ASP A 360 -5.86 20.23 -13.14
C ASP A 360 -5.24 19.23 -14.08
N SER A 361 -6.04 18.64 -14.98
CA SER A 361 -5.48 17.82 -16.07
C SER A 361 -5.59 18.52 -17.44
N SER A 362 -5.76 19.84 -17.42
CA SER A 362 -5.77 20.63 -18.65
C SER A 362 -4.40 20.62 -19.38
N LEU A 363 -4.46 21.02 -20.63
CA LEU A 363 -3.33 20.99 -21.56
C LEU A 363 -3.48 22.11 -22.58
#